data_9BCM
#
_entry.id   9BCM
#
_cell.length_a   62.518
_cell.length_b   92.221
_cell.length_c   92.643
_cell.angle_alpha   90.000
_cell.angle_beta   90.000
_cell.angle_gamma   90.000
#
_symmetry.space_group_name_H-M   'P 2 21 21'
#
loop_
_entity.id
_entity.type
_entity.pdbx_description
1 polymer Glycosyltransferase
2 water water
#
_entity_poly.entity_id   1
_entity_poly.type   'polypeptide(L)'
_entity_poly.pdbx_seq_one_letter_code
;GPLMDNETQIKKRKLQTATMEAKATGEIFVVPFFGQGHLFPAMELCKNISAHNYNVTLIIPSHLSSSIPSTFSNHSSFIH
VTEISVAASPPPEAADEPGSGTEVRSSGPRGNPLQDQNLQMGKGIKSFLSARSGTRPTCVVIDVMMSWSKEIFVDHEIPV
VSFSTSGATASAVGYGMWKAEVGNMKPGEIREIPGLPKEMAVTFADLSRGPQRRIRPPGGPGKSDGRAGPPNRMRSGSRH
GPGGGPSPGPGQKPRWVDEVDGSIALLINTCDDLEHVFINYMAEQTKLPVWGVGPLLPEQFWKSAGELLHDHEMRSNHKS
NYTEDEVVQWLESKPRESVIYISFGSEVGPTIEEYKELAKALEESDQPFIWVIQPGSGKSGIPRSFLGPAAAHTDDSEEE
EGYYPDGLDVTVGNRGLIITGWAPQLLILSHPSTGGFLSHCGWNSTAEAIGRGVPILGWPIRGDQFDNAKLVAYHLKIGH
VMSRGANGEVGPGKFTKDDITSGIEKLMKDEKVHKQAKELSKEFEGGFPVSSVKALGAFVEFISQKAT
;
_entity_poly.pdbx_strand_id   A
#
# COMPACT_ATOMS: atom_id res chain seq x y z
N LYS A 23 -1.06 -29.04 18.85
CA LYS A 23 -0.42 -28.72 17.57
C LYS A 23 -1.48 -28.59 16.46
N ALA A 24 -1.30 -27.56 15.62
CA ALA A 24 -2.22 -27.31 14.51
C ALA A 24 -3.65 -27.18 15.04
N THR A 25 -3.98 -26.02 15.60
CA THR A 25 -5.35 -25.79 16.06
C THR A 25 -6.36 -25.91 14.93
N GLY A 26 -5.96 -25.59 13.71
CA GLY A 26 -6.86 -25.69 12.58
C GLY A 26 -6.15 -25.35 11.29
N GLU A 27 -6.90 -25.46 10.20
CA GLU A 27 -6.40 -25.19 8.86
C GLU A 27 -7.06 -23.92 8.34
N ILE A 28 -6.25 -23.00 7.84
CA ILE A 28 -6.73 -21.75 7.24
C ILE A 28 -6.12 -21.66 5.85
N PHE A 29 -6.97 -21.48 4.84
CA PHE A 29 -6.50 -21.33 3.48
C PHE A 29 -6.39 -19.84 3.15
N VAL A 30 -5.52 -19.52 2.20
CA VAL A 30 -5.33 -18.14 1.76
C VAL A 30 -5.23 -18.16 0.24
N VAL A 31 -6.00 -17.29 -0.41
CA VAL A 31 -6.01 -17.19 -1.87
C VAL A 31 -5.45 -15.82 -2.26
N PRO A 32 -4.16 -15.72 -2.55
CA PRO A 32 -3.58 -14.41 -2.90
C PRO A 32 -3.95 -13.98 -4.32
N PHE A 33 -3.70 -12.71 -4.61
CA PHE A 33 -3.74 -12.17 -5.95
C PHE A 33 -2.32 -11.93 -6.40
N PHE A 34 -2.00 -12.34 -7.63
CA PHE A 34 -0.66 -12.20 -8.20
C PHE A 34 -0.63 -10.93 -9.04
N GLY A 35 0.21 -9.99 -8.62
CA GLY A 35 0.35 -8.75 -9.37
C GLY A 35 -0.02 -7.54 -8.54
N GLN A 36 0.45 -6.37 -8.95
CA GLN A 36 0.17 -5.11 -8.27
C GLN A 36 0.63 -5.11 -6.82
N GLY A 37 1.49 -6.05 -6.45
CA GLY A 37 2.01 -6.07 -5.10
C GLY A 37 1.06 -6.67 -4.09
N HIS A 38 0.26 -7.65 -4.50
CA HIS A 38 -0.67 -8.31 -3.58
C HIS A 38 -0.12 -9.60 -3.00
N LEU A 39 0.87 -10.20 -3.66
CA LEU A 39 1.35 -11.53 -3.24
C LEU A 39 2.09 -11.46 -1.93
N PHE A 40 3.09 -10.58 -1.84
CA PHE A 40 3.92 -10.55 -0.64
C PHE A 40 3.12 -10.21 0.60
N PRO A 41 2.29 -9.17 0.61
CA PRO A 41 1.38 -8.98 1.78
C PRO A 41 0.69 -10.25 2.19
N ALA A 42 0.16 -11.00 1.23
CA ALA A 42 -0.51 -12.26 1.56
C ALA A 42 0.44 -13.27 2.19
N MET A 43 1.66 -13.38 1.65
CA MET A 43 2.63 -14.29 2.25
C MET A 43 2.97 -13.88 3.67
N GLU A 44 3.08 -12.57 3.93
CA GLU A 44 3.33 -12.13 5.30
C GLU A 44 2.14 -12.41 6.20
N LEU A 45 0.91 -12.24 5.70
CA LEU A 45 -0.26 -12.59 6.49
C LEU A 45 -0.27 -14.08 6.80
N CYS A 46 0.18 -14.91 5.87
CA CYS A 46 0.27 -16.34 6.14
C CYS A 46 1.20 -16.62 7.32
N LYS A 47 2.41 -16.04 7.28
CA LYS A 47 3.35 -16.26 8.38
C LYS A 47 2.78 -15.79 9.72
N ASN A 48 2.09 -14.65 9.73
CA ASN A 48 1.56 -14.13 10.98
C ASN A 48 0.43 -15.00 11.50
N ILE A 49 -0.41 -15.53 10.60
CA ILE A 49 -1.50 -16.39 11.04
C ILE A 49 -0.96 -17.71 11.58
N SER A 50 0.03 -18.28 10.91
CA SER A 50 0.61 -19.55 11.37
C SER A 50 1.21 -19.40 12.76
N ALA A 51 1.68 -18.20 13.12
CA ALA A 51 2.24 -17.98 14.44
C ALA A 51 1.20 -18.19 15.54
N HIS A 52 -0.09 -18.10 15.21
CA HIS A 52 -1.17 -18.42 16.14
C HIS A 52 -1.53 -19.90 16.12
N ASN A 53 -0.59 -20.77 15.72
CA ASN A 53 -0.80 -22.22 15.72
C ASN A 53 -1.91 -22.62 14.74
N TYR A 54 -1.76 -22.20 13.49
CA TYR A 54 -2.65 -22.59 12.41
C TYR A 54 -1.81 -23.09 11.24
N ASN A 55 -2.31 -24.13 10.57
CA ASN A 55 -1.69 -24.64 9.36
C ASN A 55 -2.23 -23.83 8.18
N VAL A 56 -1.40 -22.95 7.63
CA VAL A 56 -1.82 -22.03 6.59
C VAL A 56 -1.36 -22.56 5.24
N THR A 57 -2.27 -22.60 4.28
CA THR A 57 -2.00 -23.09 2.94
C THR A 57 -2.31 -21.99 1.93
N LEU A 58 -1.32 -21.62 1.12
CA LEU A 58 -1.51 -20.65 0.06
C LEU A 58 -1.94 -21.37 -1.21
N ILE A 59 -3.05 -20.95 -1.79
CA ILE A 59 -3.63 -21.60 -2.97
C ILE A 59 -3.28 -20.74 -4.18
N ILE A 60 -2.53 -21.32 -5.12
CA ILE A 60 -1.98 -20.54 -6.23
C ILE A 60 -2.20 -21.31 -7.53
N PRO A 61 -2.04 -20.63 -8.67
CA PRO A 61 -1.97 -21.35 -9.96
C PRO A 61 -0.59 -21.94 -10.16
N SER A 62 -0.55 -23.18 -10.66
CA SER A 62 0.72 -23.89 -10.78
C SER A 62 1.73 -23.10 -11.61
N HIS A 63 1.27 -22.46 -12.69
CA HIS A 63 2.19 -21.78 -13.60
C HIS A 63 2.87 -20.57 -12.97
N LEU A 64 2.48 -20.18 -11.76
CA LEU A 64 3.13 -19.09 -11.03
C LEU A 64 3.92 -19.59 -9.83
N SER A 65 4.17 -20.89 -9.74
CA SER A 65 4.89 -21.46 -8.61
C SER A 65 6.25 -20.80 -8.41
N SER A 66 6.87 -20.30 -9.47
CA SER A 66 8.19 -19.70 -9.36
C SER A 66 8.15 -18.35 -8.67
N SER A 67 6.99 -17.70 -8.64
CA SER A 67 6.90 -16.38 -8.01
C SER A 67 6.94 -16.43 -6.49
N ILE A 68 6.91 -17.62 -5.90
CA ILE A 68 6.97 -17.78 -4.44
C ILE A 68 8.40 -18.15 -4.06
N PRO A 69 9.09 -17.35 -3.27
CA PRO A 69 10.47 -17.71 -2.89
C PRO A 69 10.49 -18.93 -1.97
N SER A 70 11.64 -19.62 -1.99
CA SER A 70 11.83 -20.76 -1.10
C SER A 70 11.78 -20.34 0.37
N THR A 71 11.90 -19.05 0.66
CA THR A 71 11.78 -18.59 2.04
C THR A 71 10.38 -18.83 2.59
N PHE A 72 9.36 -18.64 1.75
CA PHE A 72 7.99 -18.88 2.20
C PHE A 72 7.69 -20.37 2.34
N SER A 73 8.10 -21.17 1.36
CA SER A 73 7.79 -22.60 1.38
C SER A 73 8.45 -23.28 2.56
N ASN A 74 9.71 -22.92 2.86
CA ASN A 74 10.46 -23.54 3.95
C ASN A 74 10.45 -22.70 5.22
N HIS A 75 9.56 -21.71 5.34
CA HIS A 75 9.51 -20.91 6.55
C HIS A 75 9.29 -21.79 7.77
N SER A 76 8.25 -22.62 7.74
CA SER A 76 7.94 -23.50 8.86
C SER A 76 7.08 -24.65 8.35
N SER A 77 6.83 -25.61 9.25
CA SER A 77 5.91 -26.71 8.95
C SER A 77 4.45 -26.29 9.00
N PHE A 78 4.15 -25.05 9.39
CA PHE A 78 2.79 -24.53 9.41
C PHE A 78 2.49 -23.70 8.16
N ILE A 79 3.37 -23.72 7.16
CA ILE A 79 3.22 -22.94 5.94
C ILE A 79 3.31 -23.90 4.76
N HIS A 80 2.29 -23.90 3.90
CA HIS A 80 2.21 -24.82 2.79
C HIS A 80 1.70 -24.09 1.56
N VAL A 81 2.00 -24.66 0.39
CA VAL A 81 1.61 -24.11 -0.90
C VAL A 81 0.93 -25.22 -1.67
N THR A 82 -0.31 -24.98 -2.08
CA THR A 82 -1.05 -25.87 -2.95
C THR A 82 -1.12 -25.24 -4.33
N GLU A 83 -0.74 -26.01 -5.35
CA GLU A 83 -0.71 -25.53 -6.73
C GLU A 83 -1.89 -26.13 -7.49
N ILE A 84 -2.82 -25.27 -7.88
CA ILE A 84 -3.91 -25.66 -8.76
C ILE A 84 -3.40 -25.61 -10.19
N SER A 85 -3.58 -26.71 -10.93
CA SER A 85 -3.05 -26.81 -12.28
C SER A 85 -3.78 -25.85 -13.21
N VAL A 86 -3.06 -24.83 -13.71
CA VAL A 86 -3.59 -23.85 -14.64
C VAL A 86 -2.59 -23.66 -15.76
N ALA A 87 -3.10 -23.47 -16.98
CA ALA A 87 -2.24 -23.31 -18.15
C ALA A 87 -1.44 -22.02 -18.06
N ALA A 88 -2.07 -20.89 -18.37
CA ALA A 88 -1.40 -19.59 -18.36
C ALA A 88 -2.33 -18.51 -18.91
N GLN A 117 -10.42 -18.48 -18.67
CA GLN A 117 -9.49 -17.54 -18.05
C GLN A 117 -9.05 -18.05 -16.69
N ASN A 118 -9.81 -17.70 -15.65
CA ASN A 118 -9.65 -18.28 -14.33
C ASN A 118 -10.65 -19.41 -14.07
N LEU A 119 -11.33 -19.89 -15.12
CA LEU A 119 -12.22 -21.03 -14.96
C LEU A 119 -11.47 -22.29 -14.58
N GLN A 120 -10.29 -22.51 -15.16
CA GLN A 120 -9.46 -23.64 -14.74
C GLN A 120 -9.17 -23.58 -13.24
N MET A 121 -8.85 -22.39 -12.71
CA MET A 121 -8.60 -22.25 -11.28
C MET A 121 -9.77 -22.81 -10.48
N GLY A 122 -10.97 -22.27 -10.73
CA GLY A 122 -12.13 -22.70 -9.98
C GLY A 122 -12.35 -24.20 -10.04
N LYS A 123 -12.15 -24.78 -11.23
CA LYS A 123 -12.21 -26.23 -11.36
C LYS A 123 -11.21 -26.91 -10.44
N GLY A 124 -9.94 -26.51 -10.50
CA GLY A 124 -8.93 -27.12 -9.66
C GLY A 124 -9.18 -26.90 -8.19
N ILE A 125 -9.64 -25.71 -7.81
CA ILE A 125 -9.99 -25.46 -6.42
C ILE A 125 -11.10 -26.40 -5.97
N LYS A 126 -12.08 -26.66 -6.85
CA LYS A 126 -13.13 -27.60 -6.52
C LYS A 126 -12.55 -28.99 -6.25
N SER A 127 -11.73 -29.49 -7.16
CA SER A 127 -11.15 -30.83 -6.97
C SER A 127 -10.25 -30.87 -5.74
N PHE A 128 -9.53 -29.78 -5.48
CA PHE A 128 -8.65 -29.75 -4.32
C PHE A 128 -9.43 -29.83 -3.02
N LEU A 129 -10.50 -29.05 -2.90
CA LEU A 129 -11.32 -29.09 -1.69
C LEU A 129 -11.99 -30.44 -1.52
N SER A 130 -12.40 -31.08 -2.64
CA SER A 130 -13.11 -32.36 -2.56
C SER A 130 -12.16 -33.52 -2.30
N ALA A 131 -10.88 -33.38 -2.67
CA ALA A 131 -9.92 -34.44 -2.44
C ALA A 131 -9.31 -34.38 -1.05
N ARG A 132 -9.38 -33.22 -0.39
CA ARG A 132 -8.79 -33.07 0.94
C ARG A 132 -9.34 -34.12 1.89
N SER A 133 -8.43 -34.74 2.65
CA SER A 133 -8.81 -35.68 3.71
C SER A 133 -8.54 -35.13 5.10
N GLY A 134 -8.21 -33.86 5.22
CA GLY A 134 -7.87 -33.27 6.50
C GLY A 134 -9.08 -32.78 7.25
N THR A 135 -8.82 -31.86 8.18
CA THR A 135 -9.89 -31.24 8.95
C THR A 135 -10.52 -30.11 8.14
N ARG A 136 -11.81 -29.88 8.35
CA ARG A 136 -12.47 -28.77 7.70
C ARG A 136 -11.74 -27.47 8.01
N PRO A 137 -11.36 -26.68 7.03
CA PRO A 137 -10.64 -25.43 7.33
C PRO A 137 -11.51 -24.46 8.13
N THR A 138 -10.86 -23.76 9.05
CA THR A 138 -11.58 -22.79 9.88
C THR A 138 -12.12 -21.66 9.02
N CYS A 139 -11.37 -21.25 8.00
CA CYS A 139 -11.81 -20.21 7.08
C CYS A 139 -10.84 -20.17 5.91
N VAL A 140 -11.21 -19.40 4.90
CA VAL A 140 -10.32 -19.04 3.81
C VAL A 140 -10.21 -17.53 3.76
N VAL A 141 -9.00 -17.02 3.58
CA VAL A 141 -8.75 -15.60 3.42
C VAL A 141 -8.55 -15.35 1.92
N ILE A 142 -9.43 -14.55 1.33
CA ILE A 142 -9.43 -14.31 -0.12
C ILE A 142 -9.15 -12.83 -0.35
N ASP A 143 -8.09 -12.54 -1.11
CA ASP A 143 -7.88 -11.19 -1.61
C ASP A 143 -9.15 -10.75 -2.33
N VAL A 144 -9.57 -9.50 -2.08
CA VAL A 144 -10.83 -9.03 -2.67
C VAL A 144 -10.78 -9.16 -4.20
N MET A 145 -9.59 -9.10 -4.78
CA MET A 145 -9.45 -9.22 -6.24
C MET A 145 -9.56 -10.67 -6.70
N MET A 146 -9.67 -11.63 -5.79
CA MET A 146 -9.91 -13.02 -6.11
C MET A 146 -11.29 -13.47 -5.67
N SER A 147 -12.19 -12.52 -5.42
CA SER A 147 -13.50 -12.84 -4.85
C SER A 147 -14.38 -13.63 -5.80
N TRP A 148 -14.05 -13.67 -7.10
CA TRP A 148 -14.82 -14.50 -8.02
C TRP A 148 -14.87 -15.95 -7.54
N SER A 149 -13.87 -16.41 -6.80
CA SER A 149 -13.83 -17.79 -6.32
C SER A 149 -14.61 -18.00 -5.02
N LYS A 150 -15.20 -16.94 -4.48
CA LYS A 150 -15.87 -17.07 -3.19
C LYS A 150 -16.92 -18.18 -3.20
N GLU A 151 -17.75 -18.24 -4.24
CA GLU A 151 -18.84 -19.20 -4.25
C GLU A 151 -18.34 -20.64 -4.16
N ILE A 152 -17.10 -20.90 -4.59
CA ILE A 152 -16.58 -22.27 -4.50
C ILE A 152 -16.38 -22.68 -3.05
N PHE A 153 -15.79 -21.80 -2.24
CA PHE A 153 -15.58 -22.10 -0.83
C PHE A 153 -16.87 -22.06 -0.04
N VAL A 154 -17.88 -21.33 -0.53
CA VAL A 154 -19.17 -21.30 0.16
C VAL A 154 -19.90 -22.62 -0.01
N ASP A 155 -19.78 -23.24 -1.18
CA ASP A 155 -20.43 -24.52 -1.40
C ASP A 155 -19.84 -25.58 -0.46
N HIS A 156 -18.55 -25.51 -0.19
CA HIS A 156 -17.89 -26.42 0.74
C HIS A 156 -18.05 -25.98 2.20
N GLU A 157 -18.86 -24.97 2.46
CA GLU A 157 -19.18 -24.55 3.82
C GLU A 157 -17.94 -24.09 4.58
N ILE A 158 -17.10 -23.30 3.92
CA ILE A 158 -15.89 -22.74 4.52
C ILE A 158 -16.12 -21.25 4.71
N PRO A 159 -16.10 -20.73 5.94
CA PRO A 159 -16.30 -19.28 6.11
C PRO A 159 -15.25 -18.50 5.33
N VAL A 160 -15.70 -17.43 4.68
CA VAL A 160 -14.86 -16.64 3.80
C VAL A 160 -14.55 -15.32 4.49
N VAL A 161 -13.27 -15.02 4.60
CA VAL A 161 -12.77 -13.75 5.11
C VAL A 161 -12.13 -13.00 3.96
N SER A 162 -12.49 -11.72 3.82
CA SER A 162 -11.92 -10.89 2.76
C SER A 162 -10.63 -10.24 3.22
N PHE A 163 -9.74 -9.99 2.26
CA PHE A 163 -8.45 -9.39 2.54
C PHE A 163 -8.17 -8.32 1.51
N SER A 164 -7.93 -7.09 1.99
CA SER A 164 -7.53 -5.97 1.15
C SER A 164 -6.06 -5.66 1.41
N THR A 165 -5.27 -5.56 0.34
CA THR A 165 -3.84 -5.32 0.47
C THR A 165 -3.51 -3.83 0.52
N SER A 166 -4.50 -2.97 0.37
CA SER A 166 -4.30 -1.53 0.39
C SER A 166 -4.86 -0.95 1.68
N GLY A 167 -4.72 0.37 1.84
CA GLY A 167 -5.19 1.03 3.04
C GLY A 167 -6.70 1.06 3.17
N ALA A 168 -7.16 1.43 4.35
CA ALA A 168 -8.59 1.55 4.59
C ALA A 168 -9.14 2.88 4.11
N THR A 169 -8.31 3.93 4.11
CA THR A 169 -8.79 5.26 3.77
C THR A 169 -9.37 5.26 2.36
N ALA A 170 -8.68 4.61 1.41
CA ALA A 170 -9.14 4.67 0.02
C ALA A 170 -10.45 3.90 -0.16
N SER A 171 -10.56 2.73 0.47
CA SER A 171 -11.82 2.00 0.42
C SER A 171 -12.95 2.78 1.08
N ALA A 172 -12.68 3.40 2.23
CA ALA A 172 -13.75 4.08 2.96
C ALA A 172 -14.20 5.34 2.24
N VAL A 173 -13.24 6.16 1.79
CA VAL A 173 -13.58 7.38 1.06
C VAL A 173 -14.26 7.04 -0.26
N GLY A 174 -13.80 5.97 -0.92
CA GLY A 174 -14.47 5.56 -2.15
C GLY A 174 -15.93 5.22 -1.91
N TYR A 175 -16.21 4.46 -0.84
CA TYR A 175 -17.59 4.12 -0.50
C TYR A 175 -18.37 5.38 -0.16
N GLY A 176 -17.78 6.27 0.65
CA GLY A 176 -18.47 7.48 1.05
C GLY A 176 -18.80 8.36 -0.14
N MET A 177 -17.86 8.51 -1.06
CA MET A 177 -18.11 9.33 -2.24
C MET A 177 -19.29 8.78 -3.02
N TRP A 178 -19.41 7.44 -3.09
CA TRP A 178 -20.51 6.81 -3.82
C TRP A 178 -21.84 7.05 -3.12
N LYS A 179 -21.84 7.00 -1.79
CA LYS A 179 -23.08 7.21 -1.06
C LYS A 179 -23.48 8.68 -1.06
N ALA A 180 -22.50 9.59 -1.13
CA ALA A 180 -22.74 11.03 -1.20
C ALA A 180 -22.96 11.55 -2.60
N GLU A 181 -23.01 10.66 -3.60
CA GLU A 181 -23.37 11.04 -4.97
C GLU A 181 -22.51 12.18 -5.49
N VAL A 182 -21.20 12.11 -5.20
CA VAL A 182 -20.31 13.20 -5.58
C VAL A 182 -20.27 13.39 -7.09
N GLY A 183 -20.71 12.38 -7.83
CA GLY A 183 -20.73 12.51 -9.28
C GLY A 183 -21.47 13.72 -9.77
N ASN A 184 -22.49 14.17 -9.04
CA ASN A 184 -23.32 15.28 -9.46
C ASN A 184 -22.85 16.61 -8.89
N MET A 185 -21.67 16.63 -8.27
CA MET A 185 -21.16 17.85 -7.67
C MET A 185 -20.92 18.92 -8.73
N LYS A 186 -21.09 20.18 -8.33
CA LYS A 186 -20.78 21.34 -9.15
C LYS A 186 -19.49 21.99 -8.70
N PRO A 187 -18.81 22.71 -9.59
CA PRO A 187 -17.55 23.36 -9.18
C PRO A 187 -17.80 24.37 -8.07
N GLY A 188 -16.84 24.45 -7.14
CA GLY A 188 -16.98 25.25 -5.94
C GLY A 188 -17.72 24.58 -4.82
N GLU A 189 -18.45 23.51 -5.08
CA GLU A 189 -19.16 22.77 -4.06
C GLU A 189 -18.18 21.91 -3.27
N ILE A 190 -18.46 21.75 -1.98
CA ILE A 190 -17.68 20.90 -1.09
C ILE A 190 -18.64 19.98 -0.37
N ARG A 191 -18.45 18.67 -0.53
CA ARG A 191 -19.37 17.68 0.02
C ARG A 191 -18.63 16.86 1.06
N GLU A 192 -18.94 17.10 2.33
CA GLU A 192 -18.41 16.28 3.40
C GLU A 192 -19.03 14.88 3.33
N ILE A 193 -18.23 13.87 3.67
CA ILE A 193 -18.71 12.49 3.76
C ILE A 193 -19.16 12.26 5.18
N PRO A 194 -20.45 12.03 5.44
CA PRO A 194 -20.88 11.68 6.81
C PRO A 194 -20.11 10.48 7.34
N GLY A 195 -19.75 10.56 8.62
CA GLY A 195 -18.97 9.53 9.25
C GLY A 195 -17.47 9.66 9.08
N LEU A 196 -16.99 10.48 8.15
CA LEU A 196 -15.56 10.67 7.95
C LEU A 196 -15.12 12.08 8.33
N PRO A 197 -13.84 12.27 8.59
CA PRO A 197 -13.39 13.61 9.02
C PRO A 197 -13.66 14.67 7.96
N LYS A 198 -13.92 15.88 8.45
CA LYS A 198 -14.24 16.98 7.55
C LYS A 198 -13.10 17.26 6.57
N GLU A 199 -11.85 17.05 6.98
CA GLU A 199 -10.75 17.33 6.07
C GLU A 199 -10.71 16.41 4.86
N MET A 200 -11.44 15.29 4.90
CA MET A 200 -11.57 14.40 3.76
C MET A 200 -12.70 14.80 2.83
N ALA A 201 -13.31 15.96 3.05
CA ALA A 201 -14.43 16.41 2.23
C ALA A 201 -14.01 16.46 0.76
N VAL A 202 -14.98 16.17 -0.11
CA VAL A 202 -14.72 16.05 -1.54
C VAL A 202 -14.91 17.41 -2.21
N THR A 203 -13.93 17.80 -3.02
CA THR A 203 -14.02 18.98 -3.86
C THR A 203 -14.31 18.59 -5.30
N PHE A 204 -14.77 19.55 -6.09
CA PHE A 204 -15.03 19.26 -7.49
C PHE A 204 -13.75 18.86 -8.22
N ALA A 205 -12.60 19.34 -7.74
CA ALA A 205 -11.34 18.97 -8.34
C ALA A 205 -11.02 17.50 -8.11
N ASP A 206 -11.45 16.95 -6.97
CA ASP A 206 -11.20 15.54 -6.68
C ASP A 206 -11.87 14.63 -7.70
N LEU A 207 -12.88 15.12 -8.41
CA LEU A 207 -13.58 14.28 -9.38
C LEU A 207 -12.72 13.92 -10.59
N SER A 208 -11.52 14.49 -10.70
CA SER A 208 -10.59 14.19 -11.78
C SER A 208 -9.38 13.47 -11.21
N ARG A 209 -9.18 12.23 -11.65
CA ARG A 209 -8.10 11.39 -11.11
C ARG A 209 -7.42 10.62 -12.22
N GLY A 210 -7.14 11.29 -13.34
CA GLY A 210 -6.44 10.67 -14.45
C GLY A 210 -7.13 9.43 -14.98
N SER A 247 -10.22 1.77 -11.56
CA SER A 247 -11.04 1.86 -12.77
C SER A 247 -12.34 2.63 -12.54
N PRO A 248 -13.02 2.39 -11.42
CA PRO A 248 -14.23 3.16 -11.12
C PRO A 248 -13.87 4.55 -10.60
N GLY A 249 -14.52 5.57 -11.14
CA GLY A 249 -14.25 6.93 -10.76
C GLY A 249 -14.96 7.32 -9.48
N PRO A 250 -14.62 8.51 -8.96
CA PRO A 250 -15.29 9.00 -7.75
C PRO A 250 -16.79 9.09 -7.96
N GLY A 251 -17.55 8.72 -6.93
CA GLY A 251 -18.99 8.65 -7.03
C GLY A 251 -19.53 7.34 -7.54
N GLN A 252 -18.69 6.46 -8.07
CA GLN A 252 -19.10 5.16 -8.55
C GLN A 252 -18.98 4.12 -7.44
N LYS A 253 -19.78 3.06 -7.55
CA LYS A 253 -19.72 1.96 -6.59
C LYS A 253 -18.33 1.35 -6.60
N PRO A 254 -17.58 1.41 -5.51
CA PRO A 254 -16.25 0.79 -5.50
C PRO A 254 -16.35 -0.73 -5.63
N ARG A 255 -15.30 -1.31 -6.21
CA ARG A 255 -15.31 -2.73 -6.52
C ARG A 255 -15.28 -3.59 -5.28
N TRP A 256 -14.83 -3.07 -4.14
CA TRP A 256 -14.72 -3.90 -2.96
C TRP A 256 -16.08 -4.26 -2.35
N VAL A 257 -17.12 -3.49 -2.66
CA VAL A 257 -18.41 -3.72 -2.01
C VAL A 257 -18.90 -5.13 -2.31
N ASP A 258 -19.03 -5.47 -3.59
CA ASP A 258 -19.50 -6.79 -3.97
C ASP A 258 -18.42 -7.84 -3.75
N GLU A 259 -17.15 -7.46 -3.85
CA GLU A 259 -16.07 -8.41 -3.59
C GLU A 259 -16.11 -8.89 -2.14
N VAL A 260 -16.52 -8.03 -1.22
CA VAL A 260 -16.60 -8.40 0.19
C VAL A 260 -17.94 -9.02 0.56
N ASP A 261 -19.00 -8.76 -0.21
CA ASP A 261 -20.31 -9.31 0.10
C ASP A 261 -20.24 -10.83 0.16
N GLY A 262 -20.74 -11.38 1.26
CA GLY A 262 -20.66 -12.80 1.50
C GLY A 262 -19.62 -13.21 2.53
N SER A 263 -18.67 -12.32 2.83
CA SER A 263 -17.66 -12.63 3.81
C SER A 263 -18.16 -12.32 5.22
N ILE A 264 -17.53 -12.97 6.21
CA ILE A 264 -17.87 -12.77 7.62
C ILE A 264 -16.95 -11.78 8.32
N ALA A 265 -15.91 -11.30 7.64
CA ALA A 265 -14.95 -10.38 8.25
C ALA A 265 -14.07 -9.81 7.14
N LEU A 266 -13.39 -8.71 7.45
CA LEU A 266 -12.53 -8.04 6.50
C LEU A 266 -11.22 -7.68 7.19
N LEU A 267 -10.11 -8.09 6.60
CA LEU A 267 -8.77 -7.74 7.07
C LEU A 267 -8.15 -6.75 6.09
N ILE A 268 -7.61 -5.66 6.62
CA ILE A 268 -7.03 -4.59 5.82
C ILE A 268 -5.55 -4.46 6.16
N ASN A 269 -4.75 -4.17 5.13
CA ASN A 269 -3.29 -4.07 5.26
C ASN A 269 -2.89 -2.71 5.85
N THR A 270 -3.33 -2.48 7.08
CA THR A 270 -3.06 -1.23 7.78
C THR A 270 -3.17 -1.49 9.28
N CYS A 271 -3.07 -0.42 10.08
CA CYS A 271 -3.20 -0.52 11.52
C CYS A 271 -3.89 0.71 12.07
N ASP A 272 -4.43 0.59 13.29
CA ASP A 272 -5.23 1.67 13.86
C ASP A 272 -4.43 2.96 13.95
N ASP A 273 -3.12 2.84 14.22
CA ASP A 273 -2.31 4.04 14.32
C ASP A 273 -2.38 4.86 13.04
N LEU A 274 -2.57 4.20 11.90
CA LEU A 274 -2.58 4.88 10.61
C LEU A 274 -3.98 5.35 10.22
N GLU A 275 -4.98 4.46 10.35
CA GLU A 275 -6.29 4.71 9.74
C GLU A 275 -7.43 4.26 10.64
N HIS A 276 -7.33 4.59 11.93
CA HIS A 276 -8.37 4.18 12.87
C HIS A 276 -9.75 4.58 12.40
N VAL A 277 -9.95 5.86 12.10
CA VAL A 277 -11.28 6.34 11.77
C VAL A 277 -11.86 5.64 10.55
N PHE A 278 -11.01 5.26 9.60
CA PHE A 278 -11.48 4.63 8.36
C PHE A 278 -11.72 3.14 8.53
N ILE A 279 -10.91 2.47 9.35
CA ILE A 279 -11.22 1.10 9.72
C ILE A 279 -12.60 1.02 10.37
N ASN A 280 -12.86 1.91 11.32
CA ASN A 280 -14.15 1.89 11.99
C ASN A 280 -15.29 2.18 11.00
N TYR A 281 -15.10 3.18 10.13
CA TYR A 281 -16.07 3.49 9.10
C TYR A 281 -16.34 2.26 8.23
N MET A 282 -15.30 1.56 7.82
CA MET A 282 -15.52 0.34 7.05
C MET A 282 -16.36 -0.66 7.84
N ALA A 283 -16.12 -0.79 9.14
CA ALA A 283 -16.89 -1.75 9.92
C ALA A 283 -18.35 -1.33 10.04
N GLU A 284 -18.60 -0.02 10.16
CA GLU A 284 -19.96 0.47 10.38
C GLU A 284 -20.80 0.34 9.11
N GLN A 285 -20.17 0.43 7.94
CA GLN A 285 -20.88 0.40 6.67
C GLN A 285 -21.12 -1.02 6.18
N THR A 286 -20.13 -1.91 6.35
CA THR A 286 -20.33 -3.29 5.97
C THR A 286 -21.11 -4.10 7.01
N LYS A 287 -21.10 -3.65 8.27
CA LYS A 287 -21.66 -4.41 9.38
C LYS A 287 -20.94 -5.73 9.59
N LEU A 288 -19.65 -5.78 9.28
CA LEU A 288 -18.77 -6.91 9.54
C LEU A 288 -17.64 -6.42 10.45
N PRO A 289 -17.03 -7.31 11.22
CA PRO A 289 -15.80 -6.94 11.93
C PRO A 289 -14.69 -6.66 10.92
N VAL A 290 -14.03 -5.50 11.09
CA VAL A 290 -12.91 -5.09 10.24
C VAL A 290 -11.69 -4.91 11.13
N TRP A 291 -10.59 -5.59 10.76
CA TRP A 291 -9.37 -5.54 11.54
C TRP A 291 -8.20 -5.08 10.66
N GLY A 292 -7.38 -4.20 11.21
CA GLY A 292 -6.15 -3.81 10.56
C GLY A 292 -5.01 -4.69 11.03
N VAL A 293 -4.51 -5.53 10.14
CA VAL A 293 -3.49 -6.50 10.50
C VAL A 293 -2.14 -6.19 9.84
N GLY A 294 -1.93 -4.94 9.42
CA GLY A 294 -0.71 -4.56 8.75
C GLY A 294 -0.07 -3.34 9.38
N PRO A 295 0.73 -2.59 8.60
CA PRO A 295 1.08 -2.85 7.20
C PRO A 295 2.01 -4.06 7.08
N LEU A 296 1.73 -4.95 6.13
CA LEU A 296 2.47 -6.19 6.00
C LEU A 296 3.68 -5.93 5.11
N LEU A 297 4.73 -5.40 5.73
CA LEU A 297 5.97 -5.03 5.07
C LEU A 297 6.99 -6.12 5.26
N PRO A 298 8.07 -6.10 4.50
CA PRO A 298 9.12 -7.14 4.64
C PRO A 298 9.71 -7.15 6.05
N GLU A 299 10.24 -8.30 6.42
CA GLU A 299 10.79 -8.44 7.77
C GLU A 299 11.97 -7.52 8.01
N GLN A 300 12.75 -7.22 6.96
CA GLN A 300 13.85 -6.28 7.13
C GLN A 300 13.38 -4.91 7.56
N PHE A 301 12.11 -4.57 7.33
CA PHE A 301 11.61 -3.28 7.76
C PHE A 301 11.63 -3.13 9.28
N TRP A 302 11.72 -4.23 10.02
CA TRP A 302 11.81 -4.17 11.47
C TRP A 302 13.08 -4.87 11.95
N HIS A 318 20.01 -5.96 -8.49
CA HIS A 318 19.54 -5.95 -9.87
C HIS A 318 20.14 -4.77 -10.63
N LYS A 319 19.86 -4.68 -11.92
CA LYS A 319 20.44 -3.64 -12.75
C LYS A 319 20.11 -2.27 -12.19
N SER A 320 21.09 -1.37 -12.19
CA SER A 320 20.87 -0.02 -11.68
C SER A 320 22.06 0.86 -12.01
N ASN A 321 21.79 2.16 -12.13
CA ASN A 321 22.83 3.17 -12.26
C ASN A 321 23.91 2.96 -11.20
N TYR A 322 23.51 2.94 -9.94
CA TYR A 322 24.41 2.85 -8.80
C TYR A 322 24.11 1.58 -8.02
N THR A 323 25.00 1.27 -7.08
CA THR A 323 24.86 0.13 -6.20
C THR A 323 24.38 0.60 -4.83
N GLU A 324 23.90 -0.35 -4.02
CA GLU A 324 23.42 -0.02 -2.69
C GLU A 324 24.51 0.68 -1.88
N ASP A 325 25.72 0.12 -1.86
CA ASP A 325 26.80 0.75 -1.10
C ASP A 325 27.14 2.12 -1.65
N GLU A 326 26.99 2.33 -2.96
CA GLU A 326 27.30 3.64 -3.53
C GLU A 326 26.27 4.67 -3.12
N VAL A 327 24.99 4.28 -3.10
CA VAL A 327 23.94 5.19 -2.67
C VAL A 327 24.10 5.57 -1.21
N VAL A 328 24.41 4.59 -0.35
CA VAL A 328 24.63 4.87 1.06
C VAL A 328 25.82 5.81 1.23
N GLN A 329 26.92 5.50 0.52
CA GLN A 329 28.07 6.40 0.51
C GLN A 329 27.63 7.83 0.26
N TRP A 330 26.79 8.03 -0.76
CA TRP A 330 26.31 9.37 -1.09
C TRP A 330 25.51 9.96 0.08
N LEU A 331 24.55 9.18 0.58
CA LEU A 331 23.73 9.66 1.70
C LEU A 331 24.59 10.01 2.90
N GLU A 332 25.63 9.20 3.16
CA GLU A 332 26.53 9.50 4.29
C GLU A 332 27.24 10.82 4.12
N SER A 333 27.30 11.36 2.89
CA SER A 333 28.01 12.61 2.62
C SER A 333 27.12 13.84 2.73
N LYS A 334 25.81 13.66 2.96
CA LYS A 334 24.88 14.78 3.09
C LYS A 334 24.43 14.97 4.54
N PRO A 335 24.02 16.19 4.91
CA PRO A 335 23.60 16.44 6.29
C PRO A 335 22.31 15.70 6.63
N ARG A 336 21.98 15.71 7.92
CA ARG A 336 20.79 15.02 8.39
C ARG A 336 19.54 15.62 7.75
N GLU A 337 18.68 14.75 7.23
CA GLU A 337 17.34 15.13 6.76
C GLU A 337 17.41 16.21 5.69
N SER A 338 18.49 16.22 4.92
CA SER A 338 18.65 17.19 3.86
C SER A 338 18.24 16.67 2.49
N VAL A 339 18.12 15.35 2.33
CA VAL A 339 17.89 14.73 1.03
C VAL A 339 16.40 14.51 0.85
N ILE A 340 15.90 14.85 -0.34
CA ILE A 340 14.53 14.51 -0.72
C ILE A 340 14.59 13.33 -1.69
N TYR A 341 13.97 12.20 -1.31
CA TYR A 341 13.89 11.02 -2.15
C TYR A 341 12.67 11.17 -3.05
N ILE A 342 12.88 11.00 -4.35
CA ILE A 342 11.84 11.19 -5.37
C ILE A 342 11.67 9.89 -6.13
N SER A 343 10.46 9.35 -6.11
CA SER A 343 10.18 8.11 -6.83
C SER A 343 8.67 7.99 -7.04
N PHE A 344 8.30 7.63 -8.27
CA PHE A 344 6.90 7.37 -8.59
C PHE A 344 6.61 5.89 -8.73
N GLY A 345 7.46 5.05 -8.15
CA GLY A 345 7.26 3.63 -8.24
C GLY A 345 7.53 3.12 -9.64
N SER A 346 6.79 2.09 -10.02
CA SER A 346 6.96 1.45 -11.31
C SER A 346 5.72 1.51 -12.19
N GLU A 347 4.54 1.67 -11.60
CA GLU A 347 3.30 1.59 -12.38
C GLU A 347 3.12 2.81 -13.28
N VAL A 348 2.91 3.99 -12.67
CA VAL A 348 2.55 5.18 -13.42
C VAL A 348 3.43 6.34 -12.95
N GLY A 349 3.39 7.42 -13.73
CA GLY A 349 4.14 8.61 -13.41
C GLY A 349 3.59 9.85 -14.10
N PRO A 350 4.15 11.01 -13.77
CA PRO A 350 3.65 12.26 -14.38
C PRO A 350 3.85 12.31 -15.88
N THR A 351 3.37 13.38 -16.52
CA THR A 351 3.58 13.55 -17.94
C THR A 351 5.03 13.95 -18.23
N ILE A 352 5.45 13.78 -19.49
CA ILE A 352 6.78 14.21 -19.90
C ILE A 352 6.96 15.71 -19.65
N GLU A 353 5.96 16.50 -20.04
CA GLU A 353 6.02 17.94 -19.80
C GLU A 353 6.28 18.25 -18.33
N GLU A 354 5.60 17.53 -17.44
CA GLU A 354 5.78 17.79 -16.01
C GLU A 354 7.13 17.32 -15.51
N TYR A 355 7.66 16.24 -16.09
CA TYR A 355 8.98 15.77 -15.70
C TYR A 355 10.05 16.82 -16.01
N LYS A 356 9.92 17.52 -17.14
CA LYS A 356 10.86 18.60 -17.44
C LYS A 356 10.78 19.69 -16.39
N GLU A 357 9.57 20.03 -15.95
CA GLU A 357 9.44 20.99 -14.86
C GLU A 357 10.17 20.53 -13.61
N LEU A 358 10.00 19.24 -13.26
CA LEU A 358 10.73 18.71 -12.12
C LEU A 358 12.23 18.88 -12.31
N ALA A 359 12.73 18.57 -13.51
CA ALA A 359 14.15 18.71 -13.77
C ALA A 359 14.62 20.14 -13.53
N LYS A 360 13.93 21.12 -14.13
CA LYS A 360 14.28 22.52 -13.93
C LYS A 360 14.24 22.90 -12.46
N ALA A 361 13.30 22.33 -11.70
CA ALA A 361 13.19 22.69 -10.28
C ALA A 361 14.40 22.20 -9.52
N LEU A 362 14.77 20.94 -9.74
CA LEU A 362 15.93 20.39 -9.05
C LEU A 362 17.21 21.11 -9.44
N GLU A 363 17.31 21.59 -10.68
CA GLU A 363 18.51 22.31 -11.10
C GLU A 363 18.61 23.65 -10.38
N GLU A 364 17.50 24.34 -10.22
CA GLU A 364 17.54 25.66 -9.59
C GLU A 364 17.71 25.58 -8.06
N SER A 365 17.18 24.53 -7.44
CA SER A 365 17.16 24.47 -6.00
C SER A 365 18.52 24.03 -5.46
N ASP A 366 18.74 24.30 -4.17
CA ASP A 366 19.96 23.93 -3.47
C ASP A 366 19.80 22.65 -2.66
N GLN A 367 18.71 21.87 -2.93
CA GLN A 367 18.37 20.72 -2.08
C GLN A 367 19.04 19.47 -2.62
N PRO A 368 19.75 18.70 -1.80
CA PRO A 368 20.20 17.37 -2.24
C PRO A 368 18.99 16.50 -2.53
N PHE A 369 19.15 15.59 -3.49
CA PHE A 369 18.02 14.76 -3.88
C PHE A 369 18.49 13.46 -4.49
N ILE A 370 17.63 12.45 -4.42
CA ILE A 370 17.76 11.20 -5.15
C ILE A 370 16.50 11.07 -6.00
N TRP A 371 16.67 11.08 -7.32
CA TRP A 371 15.56 10.98 -8.26
C TRP A 371 15.67 9.63 -8.98
N VAL A 372 14.75 8.71 -8.65
CA VAL A 372 14.67 7.42 -9.32
C VAL A 372 13.73 7.55 -10.51
N ILE A 373 14.20 7.12 -11.68
CA ILE A 373 13.43 7.18 -12.90
C ILE A 373 13.21 5.76 -13.43
N GLN A 374 12.06 5.55 -14.07
CA GLN A 374 11.65 4.25 -14.58
C GLN A 374 11.42 4.32 -16.10
N PRO A 375 11.73 3.24 -16.82
CA PRO A 375 11.46 3.24 -18.28
C PRO A 375 9.98 3.53 -18.59
N TYR A 403 11.58 8.35 -20.79
CA TYR A 403 12.12 9.65 -20.38
C TYR A 403 13.50 9.54 -19.71
N TYR A 404 14.23 10.65 -19.59
CA TYR A 404 15.50 10.75 -18.83
C TYR A 404 15.80 12.25 -18.71
N PRO A 405 16.23 12.77 -17.53
CA PRO A 405 16.54 14.18 -17.37
C PRO A 405 17.98 14.46 -17.82
N ASP A 406 18.20 14.68 -19.11
CA ASP A 406 19.56 14.93 -19.66
C ASP A 406 19.79 16.43 -19.65
N GLY A 407 21.05 16.87 -19.50
CA GLY A 407 22.05 16.36 -18.55
C GLY A 407 21.92 16.98 -17.19
N LEU A 408 20.92 16.58 -16.41
CA LEU A 408 20.75 17.06 -15.02
C LEU A 408 21.89 16.50 -14.19
N ASP A 409 22.28 15.23 -14.39
CA ASP A 409 23.31 14.65 -13.54
C ASP A 409 24.61 15.44 -13.62
N VAL A 410 24.86 16.08 -14.75
CA VAL A 410 26.08 16.86 -14.90
C VAL A 410 25.93 18.24 -14.25
N THR A 411 24.82 18.93 -14.51
CA THR A 411 24.65 20.28 -14.00
C THR A 411 24.68 20.34 -12.48
N VAL A 412 24.16 19.32 -11.79
CA VAL A 412 24.03 19.37 -10.34
C VAL A 412 25.20 18.71 -9.64
N GLY A 413 26.22 18.28 -10.38
CA GLY A 413 27.34 17.60 -9.74
C GLY A 413 26.86 16.49 -8.81
N ASN A 414 27.33 16.51 -7.56
CA ASN A 414 26.98 15.47 -6.59
C ASN A 414 25.88 15.91 -5.63
N ARG A 415 25.21 17.03 -5.93
CA ARG A 415 24.05 17.39 -5.14
C ARG A 415 22.89 16.41 -5.37
N GLY A 416 22.87 15.75 -6.51
CA GLY A 416 21.77 14.85 -6.82
C GLY A 416 22.25 13.54 -7.41
N LEU A 417 21.49 12.49 -7.14
CA LEU A 417 21.67 11.20 -7.77
C LEU A 417 20.45 10.91 -8.65
N ILE A 418 20.68 10.68 -9.94
CA ILE A 418 19.65 10.23 -10.86
C ILE A 418 19.86 8.72 -11.02
N ILE A 419 19.07 7.94 -10.30
CA ILE A 419 19.19 6.49 -10.30
C ILE A 419 18.27 5.95 -11.38
N THR A 420 18.84 5.32 -12.40
CA THR A 420 18.09 4.55 -13.38
C THR A 420 18.08 3.09 -12.92
N GLY A 421 17.04 2.38 -13.34
CA GLY A 421 16.84 1.04 -12.83
C GLY A 421 16.04 1.09 -11.54
N TRP A 422 16.35 0.21 -10.60
CA TRP A 422 15.69 0.20 -9.31
C TRP A 422 16.63 0.74 -8.23
N ALA A 423 16.05 1.40 -7.24
CA ALA A 423 16.79 1.98 -6.13
C ALA A 423 16.48 1.24 -4.84
N PRO A 424 17.40 1.28 -3.86
CA PRO A 424 17.11 0.65 -2.54
C PRO A 424 16.23 1.56 -1.68
N GLN A 425 14.93 1.54 -1.99
CA GLN A 425 14.00 2.47 -1.36
C GLN A 425 14.01 2.34 0.17
N LEU A 426 14.01 1.11 0.68
CA LEU A 426 13.99 0.92 2.12
C LEU A 426 15.25 1.49 2.76
N LEU A 427 16.42 1.25 2.15
CA LEU A 427 17.64 1.85 2.69
C LEU A 427 17.56 3.36 2.68
N ILE A 428 17.12 3.95 1.58
CA ILE A 428 17.07 5.41 1.47
C ILE A 428 16.15 5.98 2.53
N LEU A 429 14.93 5.43 2.65
CA LEU A 429 13.94 6.03 3.55
C LEU A 429 14.38 5.92 5.00
N SER A 430 15.15 4.88 5.32
CA SER A 430 15.56 4.67 6.70
C SER A 430 16.84 5.41 7.06
N HIS A 431 17.47 6.12 6.13
CA HIS A 431 18.74 6.80 6.36
C HIS A 431 18.51 8.19 6.95
N PRO A 432 19.29 8.56 7.96
CA PRO A 432 19.06 9.86 8.62
C PRO A 432 19.29 11.06 7.72
N SER A 433 19.98 10.92 6.59
CA SER A 433 20.11 12.02 5.65
C SER A 433 18.84 12.30 4.85
N THR A 434 17.91 11.33 4.79
CA THR A 434 16.67 11.51 4.06
C THR A 434 15.67 12.30 4.90
N GLY A 435 15.26 13.45 4.39
CA GLY A 435 14.33 14.31 5.10
C GLY A 435 12.99 14.52 4.43
N GLY A 436 12.79 13.87 3.28
CA GLY A 436 11.53 14.02 2.56
C GLY A 436 11.41 12.95 1.50
N PHE A 437 10.16 12.72 1.09
CA PHE A 437 9.83 11.71 0.10
C PHE A 437 8.80 12.27 -0.85
N LEU A 438 9.21 12.55 -2.09
CA LEU A 438 8.27 12.92 -3.15
C LEU A 438 7.71 11.64 -3.77
N SER A 439 6.47 11.31 -3.45
CA SER A 439 5.91 10.00 -3.74
C SER A 439 4.59 10.14 -4.47
N HIS A 440 4.28 9.13 -5.29
CA HIS A 440 2.95 9.02 -5.90
C HIS A 440 1.92 8.53 -4.90
N CYS A 441 2.34 8.23 -3.66
CA CYS A 441 1.45 7.87 -2.57
C CYS A 441 0.73 6.54 -2.80
N GLY A 442 1.35 5.62 -3.54
CA GLY A 442 0.91 4.24 -3.47
C GLY A 442 1.01 3.73 -2.04
N TRP A 443 0.13 2.79 -1.71
CA TRP A 443 -0.01 2.40 -0.31
C TRP A 443 1.29 1.88 0.27
N ASN A 444 1.97 0.99 -0.46
CA ASN A 444 3.22 0.43 0.03
C ASN A 444 4.25 1.53 0.32
N SER A 445 4.43 2.47 -0.62
CA SER A 445 5.40 3.53 -0.39
C SER A 445 4.97 4.40 0.78
N THR A 446 3.67 4.67 0.89
CA THR A 446 3.18 5.50 1.98
C THR A 446 3.48 4.84 3.32
N ALA A 447 3.16 3.56 3.45
CA ALA A 447 3.33 2.88 4.73
C ALA A 447 4.80 2.82 5.11
N GLU A 448 5.67 2.57 4.13
CA GLU A 448 7.11 2.51 4.42
C GLU A 448 7.60 3.85 4.94
N ALA A 449 7.20 4.93 4.28
CA ALA A 449 7.65 6.26 4.71
C ALA A 449 7.14 6.59 6.11
N ILE A 450 5.88 6.26 6.38
CA ILE A 450 5.32 6.57 7.68
C ILE A 450 6.06 5.80 8.75
N GLY A 451 6.37 4.53 8.47
CA GLY A 451 7.08 3.73 9.44
C GLY A 451 8.48 4.21 9.72
N ARG A 452 9.02 5.07 8.86
CA ARG A 452 10.36 5.59 9.04
C ARG A 452 10.37 7.06 9.43
N GLY A 453 9.22 7.70 9.55
CA GLY A 453 9.17 9.10 9.93
C GLY A 453 9.68 10.06 8.88
N VAL A 454 9.59 9.70 7.60
CA VAL A 454 10.00 10.56 6.49
C VAL A 454 8.75 11.25 5.97
N PRO A 455 8.62 12.58 6.10
CA PRO A 455 7.42 13.24 5.57
C PRO A 455 7.30 13.06 4.06
N ILE A 456 6.05 13.06 3.58
CA ILE A 456 5.73 12.81 2.18
C ILE A 456 5.32 14.11 1.50
N LEU A 457 5.84 14.33 0.32
CA LEU A 457 5.33 15.35 -0.60
C LEU A 457 4.56 14.59 -1.66
N GLY A 458 3.23 14.70 -1.63
CA GLY A 458 2.38 13.84 -2.43
C GLY A 458 2.16 14.35 -3.85
N TRP A 459 2.42 13.47 -4.79
CA TRP A 459 2.15 13.73 -6.20
C TRP A 459 1.35 12.56 -6.74
N PRO A 460 0.11 12.39 -6.26
CA PRO A 460 -0.68 11.21 -6.66
C PRO A 460 -1.05 11.27 -8.13
N ILE A 461 -1.17 10.09 -8.75
CA ILE A 461 -1.38 9.97 -10.19
C ILE A 461 -2.67 9.22 -10.51
N ARG A 462 -2.94 8.13 -9.79
CA ARG A 462 -4.06 7.28 -10.18
C ARG A 462 -4.64 6.57 -8.97
N GLY A 463 -5.95 6.34 -9.03
CA GLY A 463 -6.61 5.41 -8.12
C GLY A 463 -6.55 5.86 -6.68
N ASP A 464 -6.22 4.91 -5.80
CA ASP A 464 -6.22 5.14 -4.37
C ASP A 464 -5.16 6.14 -3.94
N GLN A 465 -4.25 6.51 -4.84
CA GLN A 465 -3.16 7.40 -4.46
C GLN A 465 -3.67 8.76 -4.02
N PHE A 466 -4.81 9.20 -4.55
CA PHE A 466 -5.33 10.52 -4.17
C PHE A 466 -5.84 10.53 -2.73
N ASP A 467 -6.57 9.49 -2.32
CA ASP A 467 -7.01 9.39 -0.94
C ASP A 467 -5.87 9.13 0.02
N ASN A 468 -4.81 8.42 -0.42
CA ASN A 468 -3.64 8.26 0.44
C ASN A 468 -2.95 9.60 0.65
N ALA A 469 -2.93 10.46 -0.36
CA ALA A 469 -2.31 11.77 -0.20
C ALA A 469 -3.08 12.62 0.80
N LYS A 470 -4.41 12.59 0.73
CA LYS A 470 -5.21 13.29 1.72
C LYS A 470 -4.91 12.79 3.12
N LEU A 471 -4.69 11.47 3.26
CA LEU A 471 -4.42 10.91 4.58
C LEU A 471 -3.18 11.53 5.21
N VAL A 472 -2.10 11.65 4.44
CA VAL A 472 -0.84 12.10 5.03
C VAL A 472 -0.89 13.60 5.27
N ALA A 473 -1.43 14.35 4.31
CA ALA A 473 -1.35 15.80 4.40
C ALA A 473 -2.43 16.40 5.30
N TYR A 474 -3.62 15.81 5.33
CA TYR A 474 -4.76 16.44 5.99
C TYR A 474 -5.24 15.70 7.24
N HIS A 475 -5.15 14.37 7.27
CA HIS A 475 -5.60 13.62 8.44
C HIS A 475 -4.46 13.37 9.41
N LEU A 476 -3.42 12.67 8.97
CA LEU A 476 -2.26 12.43 9.84
C LEU A 476 -1.36 13.65 9.96
N LYS A 477 -1.33 14.51 8.93
CA LYS A 477 -0.53 15.75 8.95
C LYS A 477 0.95 15.43 9.08
N ILE A 478 1.43 14.58 8.19
CA ILE A 478 2.82 14.14 8.17
C ILE A 478 3.35 14.35 6.76
N GLY A 479 2.73 15.26 6.01
CA GLY A 479 3.21 15.54 4.67
C GLY A 479 2.39 16.64 4.03
N HIS A 480 2.66 16.89 2.76
CA HIS A 480 1.91 17.87 1.99
C HIS A 480 1.61 17.27 0.64
N VAL A 481 0.70 17.93 -0.10
CA VAL A 481 0.37 17.56 -1.48
C VAL A 481 0.83 18.69 -2.40
N MET A 482 1.37 18.32 -3.55
CA MET A 482 1.67 19.30 -4.59
C MET A 482 0.42 20.12 -4.89
N SER A 483 0.60 21.43 -5.08
CA SER A 483 -0.52 22.34 -5.25
C SER A 483 -0.31 23.22 -6.48
N ARG A 484 -1.40 23.83 -6.94
CA ARG A 484 -1.41 24.71 -8.11
C ARG A 484 -0.94 23.94 -9.35
N GLY A 493 -3.92 22.89 -16.80
CA GLY A 493 -3.37 22.60 -15.49
C GLY A 493 -1.90 22.26 -15.51
N LYS A 494 -1.56 21.11 -14.92
CA LYS A 494 -0.18 20.62 -14.83
C LYS A 494 0.68 21.46 -13.90
N PHE A 495 1.51 20.78 -13.11
CA PHE A 495 2.36 21.46 -12.15
C PHE A 495 3.56 22.09 -12.86
N THR A 496 3.92 23.30 -12.42
CA THR A 496 5.01 24.05 -13.02
C THR A 496 6.28 23.88 -12.19
N LYS A 497 7.39 24.41 -12.73
CA LYS A 497 8.65 24.43 -11.98
C LYS A 497 8.49 25.14 -10.65
N ASP A 498 7.79 26.29 -10.65
CA ASP A 498 7.62 27.04 -9.41
C ASP A 498 6.79 26.24 -8.40
N ASP A 499 5.75 25.55 -8.87
CA ASP A 499 4.95 24.73 -7.96
C ASP A 499 5.81 23.63 -7.34
N ILE A 500 6.77 23.10 -8.09
CA ILE A 500 7.60 22.00 -7.60
C ILE A 500 8.67 22.53 -6.64
N THR A 501 9.30 23.66 -6.98
CA THR A 501 10.24 24.29 -6.06
C THR A 501 9.55 24.69 -4.75
N SER A 502 8.34 25.23 -4.85
CA SER A 502 7.63 25.64 -3.65
C SER A 502 7.31 24.44 -2.76
N GLY A 503 6.81 23.36 -3.37
CA GLY A 503 6.38 22.19 -2.61
C GLY A 503 7.54 21.46 -1.95
N ILE A 504 8.65 21.28 -2.68
CA ILE A 504 9.82 20.65 -2.10
C ILE A 504 10.38 21.51 -0.97
N GLU A 505 10.44 22.81 -1.20
CA GLU A 505 10.97 23.70 -0.16
C GLU A 505 10.07 23.70 1.07
N LYS A 506 8.76 23.76 0.88
CA LYS A 506 7.85 23.79 2.02
C LYS A 506 7.93 22.48 2.82
N LEU A 507 7.99 21.34 2.15
CA LEU A 507 8.04 20.07 2.86
C LEU A 507 9.32 19.94 3.66
N MET A 508 10.48 20.18 3.04
CA MET A 508 11.74 19.93 3.72
C MET A 508 11.97 20.90 4.86
N LYS A 509 11.40 22.09 4.79
CA LYS A 509 11.52 23.09 5.85
C LYS A 509 10.45 22.97 6.93
N ASP A 510 9.41 22.15 6.73
CA ASP A 510 8.28 22.11 7.66
C ASP A 510 8.66 21.27 8.88
N GLU A 511 8.89 21.95 10.00
CA GLU A 511 9.31 21.25 11.21
C GLU A 511 8.13 20.61 11.91
N LYS A 512 6.92 21.12 11.70
CA LYS A 512 5.75 20.50 12.32
C LYS A 512 5.53 19.10 11.77
N VAL A 513 5.51 18.96 10.44
CA VAL A 513 5.25 17.64 9.86
C VAL A 513 6.41 16.68 10.14
N HIS A 514 7.63 17.19 10.18
CA HIS A 514 8.76 16.34 10.53
C HIS A 514 8.64 15.83 11.96
N LYS A 515 8.26 16.70 12.89
CA LYS A 515 8.05 16.27 14.27
C LYS A 515 6.90 15.28 14.35
N GLN A 516 5.83 15.54 13.59
CA GLN A 516 4.68 14.66 13.62
C GLN A 516 4.98 13.31 12.97
N ALA A 517 5.71 13.33 11.86
CA ALA A 517 6.10 12.08 11.20
C ALA A 517 6.97 11.22 12.12
N LYS A 518 7.96 11.84 12.76
CA LYS A 518 8.82 11.09 13.68
C LYS A 518 8.00 10.54 14.84
N GLU A 519 7.09 11.36 15.39
CA GLU A 519 6.26 10.92 16.50
C GLU A 519 5.43 9.71 16.11
N LEU A 520 4.83 9.73 14.91
CA LEU A 520 4.02 8.60 14.47
C LEU A 520 4.88 7.38 14.19
N SER A 521 6.12 7.58 13.72
CA SER A 521 6.98 6.46 13.39
C SER A 521 7.48 5.72 14.63
N LYS A 522 7.40 6.32 15.81
CA LYS A 522 7.82 5.61 17.02
C LYS A 522 6.98 4.37 17.28
N GLU A 523 5.76 4.30 16.73
CA GLU A 523 4.93 3.11 16.84
C GLU A 523 5.39 1.98 15.93
N PHE A 524 6.35 2.24 15.03
CA PHE A 524 6.82 1.24 14.08
C PHE A 524 8.28 0.86 14.30
N GLU A 525 8.90 1.35 15.36
CA GLU A 525 10.26 0.98 15.71
C GLU A 525 10.20 0.13 16.98
N GLY A 526 10.78 -1.05 16.91
CA GLY A 526 10.67 -2.04 17.97
C GLY A 526 9.91 -3.27 17.53
N GLY A 527 9.30 -3.23 16.35
CA GLY A 527 8.57 -4.38 15.85
C GLY A 527 7.23 -4.04 15.26
N PHE A 528 6.50 -5.05 14.72
CA PHE A 528 5.15 -4.93 14.22
C PHE A 528 4.33 -4.09 15.19
N PRO A 529 3.49 -3.17 14.70
CA PRO A 529 2.69 -2.36 15.62
C PRO A 529 1.89 -3.24 16.58
N VAL A 530 1.74 -2.76 17.81
CA VAL A 530 0.98 -3.53 18.78
C VAL A 530 -0.48 -3.65 18.34
N SER A 531 -1.01 -2.62 17.66
CA SER A 531 -2.40 -2.67 17.22
C SER A 531 -2.63 -3.82 16.24
N SER A 532 -1.72 -3.99 15.28
CA SER A 532 -1.87 -5.09 14.33
C SER A 532 -1.73 -6.45 15.01
N VAL A 533 -0.82 -6.56 15.99
CA VAL A 533 -0.67 -7.83 16.69
C VAL A 533 -1.95 -8.19 17.43
N LYS A 534 -2.54 -7.22 18.14
CA LYS A 534 -3.80 -7.47 18.84
C LYS A 534 -4.95 -7.70 17.87
N ALA A 535 -4.98 -6.93 16.77
CA ALA A 535 -6.07 -7.07 15.80
C ALA A 535 -6.09 -8.47 15.22
N LEU A 536 -4.93 -8.94 14.74
CA LEU A 536 -4.85 -10.29 14.19
C LEU A 536 -5.26 -11.32 15.24
N GLY A 537 -4.83 -11.14 16.49
CA GLY A 537 -5.26 -12.05 17.54
C GLY A 537 -6.76 -11.99 17.79
N ALA A 538 -7.34 -10.79 17.72
CA ALA A 538 -8.79 -10.65 17.83
C ALA A 538 -9.49 -11.41 16.71
N PHE A 539 -8.96 -11.31 15.49
CA PHE A 539 -9.50 -12.08 14.37
C PHE A 539 -9.43 -13.57 14.64
N VAL A 540 -8.29 -14.05 15.13
CA VAL A 540 -8.15 -15.47 15.40
C VAL A 540 -9.16 -15.92 16.45
N GLU A 541 -9.42 -15.08 17.45
CA GLU A 541 -10.47 -15.38 18.41
C GLU A 541 -11.82 -15.51 17.72
N PHE A 542 -12.07 -14.64 16.74
CA PHE A 542 -13.38 -14.58 16.09
C PHE A 542 -13.65 -15.81 15.25
N ILE A 543 -12.74 -16.15 14.34
CA ILE A 543 -13.01 -17.24 13.41
C ILE A 543 -12.99 -18.61 14.07
N SER A 544 -12.62 -18.68 15.34
CA SER A 544 -12.47 -19.97 16.02
C SER A 544 -13.67 -20.34 16.88
N GLN A 545 -14.54 -19.39 17.22
CA GLN A 545 -15.70 -19.69 18.04
C GLN A 545 -16.74 -20.42 17.20
#